data_8ATY
#
_entry.id   8ATY
#
_cell.length_a   65.331
_cell.length_b   65.331
_cell.length_c   156.041
_cell.angle_alpha   90.000
_cell.angle_beta   90.000
_cell.angle_gamma   90.000
#
_symmetry.space_group_name_H-M   'P 43 21 2'
#
loop_
_entity.id
_entity.type
_entity.pdbx_description
1 polymer 'Peroxisome proliferator-activated receptor gamma'
2 non-polymer '2-[4-chloranyl-6-(5,6,7,8-tetrahydronaphthalen-1-ylamino)pyrimidin-2-yl]sulfanylethanoic acid'
3 non-polymer GLYCEROL
4 water water
#
_entity_poly.entity_id   1
_entity_poly.type   'polypeptide(L)'
_entity_poly.pdbx_seq_one_letter_code
;SMQLNPESADLRALAKHLYDSYIKSFPLTKAKARAILTGKTTDKSPFVIYDMNSLMMGEDKIKFKHITPLQEQSKEVAIR
IFQGCQFRSVEAVQEITEYAKSIPGFVNLDLNDQVTLLKYGVHEIIYTMLASLMNKDGVLISEGQGFMTREFLKSLRKPF
GDFMEPKFEFAVKFNALELDDSDLAIFIAVIILSGDRPGLLNVKPIEDIQDNLLQALELQLKLNHPESSQLFAKLLQKMT
DLRQIVTEHVQLLQVIKKTETDMSLHPLLQEIYKDLY
;
_entity_poly.pdbx_strand_id   A
#
loop_
_chem_comp.id
_chem_comp.type
_chem_comp.name
_chem_comp.formula
GOL non-polymer GLYCEROL 'C3 H8 O3'
O7O non-polymer '2-[4-chloranyl-6-(5,6,7,8-tetrahydronaphthalen-1-ylamino)pyrimidin-2-yl]sulfanylethanoic acid' 'C16 H16 Cl N3 O2 S'
#
# COMPACT_ATOMS: atom_id res chain seq x y z
N SER A 1 -13.99 -22.75 22.02
CA SER A 1 -12.97 -22.67 23.11
C SER A 1 -11.71 -21.93 22.61
N MET A 2 -11.76 -20.58 22.52
CA MET A 2 -10.53 -19.73 22.56
C MET A 2 -9.99 -19.72 24.00
N GLN A 3 -8.66 -19.72 24.15
CA GLN A 3 -7.93 -19.87 25.44
C GLN A 3 -6.74 -18.90 25.50
N LEU A 4 -6.39 -18.47 26.72
CA LEU A 4 -5.08 -17.89 27.09
C LEU A 4 -4.12 -19.02 27.39
N ASN A 5 -3.15 -19.23 26.54
CA ASN A 5 -2.10 -20.25 26.76
C ASN A 5 -0.79 -19.71 26.25
N PRO A 6 0.32 -20.44 26.39
CA PRO A 6 1.60 -19.99 25.87
C PRO A 6 1.54 -19.68 24.36
N GLU A 7 0.76 -20.47 23.62
CA GLU A 7 0.61 -20.32 22.16
C GLU A 7 0.00 -18.92 21.90
N SER A 8 -1.13 -18.60 22.51
CA SER A 8 -1.78 -17.26 22.36
C SER A 8 -0.82 -16.12 22.82
N ALA A 9 -0.09 -16.27 23.94
CA ALA A 9 0.84 -15.23 24.42
C ALA A 9 1.92 -14.96 23.36
N ASP A 10 2.42 -16.00 22.72
CA ASP A 10 3.46 -15.84 21.64
C ASP A 10 2.85 -15.10 20.41
N LEU A 11 1.65 -15.48 20.01
CA LEU A 11 0.93 -14.82 18.89
C LEU A 11 0.69 -13.33 19.22
N ARG A 12 0.41 -12.99 20.47
CA ARG A 12 0.23 -11.57 20.88
C ARG A 12 1.58 -10.84 20.82
N ALA A 13 2.66 -11.49 21.24
CA ALA A 13 4.03 -10.93 21.17
C ALA A 13 4.38 -10.63 19.71
N LEU A 14 4.12 -11.56 18.84
CA LEU A 14 4.39 -11.37 17.42
C LEU A 14 3.57 -10.18 16.89
N ALA A 15 2.28 -10.12 17.21
CA ALA A 15 1.41 -8.99 16.81
C ALA A 15 2.01 -7.65 17.29
N LYS A 16 2.45 -7.57 18.55
CA LYS A 16 3.05 -6.32 19.06
C LYS A 16 4.36 -6.02 18.30
N HIS A 17 5.19 -7.02 18.04
CA HIS A 17 6.49 -6.82 17.33
C HIS A 17 6.19 -6.20 15.96
N LEU A 18 5.20 -6.76 15.26
CA LEU A 18 4.82 -6.30 13.92
C LEU A 18 4.28 -4.89 14.03
N TYR A 19 3.43 -4.60 15.02
CA TYR A 19 2.91 -3.23 15.18
C TYR A 19 4.09 -2.27 15.37
N ASP A 20 5.00 -2.60 16.31
CA ASP A 20 6.12 -1.68 16.66
C ASP A 20 6.97 -1.41 15.42
N SER A 21 7.23 -2.43 14.59
CA SER A 21 8.02 -2.36 13.35
C SER A 21 7.28 -1.52 12.30
N TYR A 22 5.96 -1.65 12.22
CA TYR A 22 5.07 -0.92 11.29
C TYR A 22 5.15 0.56 11.60
N ILE A 23 5.14 0.91 12.89
CA ILE A 23 5.21 2.32 13.32
C ILE A 23 6.60 2.90 12.92
N LYS A 24 7.64 2.11 13.02
CA LYS A 24 9.04 2.54 12.69
C LYS A 24 9.19 2.65 11.17
N SER A 25 8.47 1.83 10.37
CA SER A 25 8.70 1.76 8.89
C SER A 25 7.87 2.79 8.11
N PHE A 26 6.69 3.10 8.60
CA PHE A 26 5.66 3.85 7.85
C PHE A 26 5.32 5.12 8.61
N PRO A 27 5.87 6.26 8.18
CA PRO A 27 5.67 7.52 8.89
C PRO A 27 4.20 7.95 8.91
N LEU A 28 3.45 7.71 7.83
CA LEU A 28 2.02 8.10 7.77
C LEU A 28 1.15 6.85 8.02
N THR A 29 0.76 6.67 9.23
CA THR A 29 -0.06 5.52 9.68
C THR A 29 -1.52 5.78 9.32
N LYS A 30 -2.35 4.76 9.43
CA LYS A 30 -3.77 4.97 9.22
C LYS A 30 -4.30 5.90 10.31
N ALA A 31 -3.83 5.77 11.54
CA ALA A 31 -4.39 6.57 12.64
C ALA A 31 -4.21 8.05 12.29
N LYS A 32 -3.03 8.40 11.83
CA LYS A 32 -2.65 9.80 11.47
C LYS A 32 -3.45 10.23 10.24
N ALA A 33 -3.56 9.38 9.24
CA ALA A 33 -4.26 9.71 7.98
C ALA A 33 -5.73 9.97 8.28
N ARG A 34 -6.38 9.16 9.13
CA ARG A 34 -7.80 9.38 9.52
C ARG A 34 -7.99 10.73 10.24
N ALA A 35 -7.13 11.07 11.18
CA ALA A 35 -7.16 12.34 11.96
C ALA A 35 -7.12 13.53 11.01
N ILE A 36 -6.28 13.45 9.98
CA ILE A 36 -6.18 14.48 8.91
C ILE A 36 -7.49 14.50 8.14
N LEU A 37 -7.94 13.39 7.63
CA LEU A 37 -9.11 13.34 6.75
C LEU A 37 -10.37 13.80 7.51
N THR A 38 -10.46 13.56 8.82
CA THR A 38 -11.72 13.78 9.56
C THR A 38 -11.75 15.20 10.10
N GLY A 39 -10.63 15.93 10.00
CA GLY A 39 -10.46 17.25 10.60
C GLY A 39 -9.84 17.17 11.98
N LYS A 40 -9.99 16.02 12.66
CA LYS A 40 -9.79 15.86 14.14
C LYS A 40 -8.36 16.29 14.52
N THR A 41 -7.44 16.21 13.58
CA THR A 41 -6.01 16.56 13.78
C THR A 41 -5.88 18.01 14.24
N THR A 42 -4.84 18.31 15.01
CA THR A 42 -4.45 19.68 15.42
C THR A 42 -3.30 20.17 14.52
N ASP A 43 -2.70 19.29 13.70
CA ASP A 43 -1.74 19.67 12.63
C ASP A 43 -2.44 20.64 11.68
N LYS A 44 -1.67 21.47 10.96
CA LYS A 44 -2.22 22.35 9.90
C LYS A 44 -3.02 21.50 8.90
N SER A 45 -4.04 22.05 8.30
CA SER A 45 -4.89 21.36 7.31
C SER A 45 -4.10 21.14 6.03
N PRO A 46 -4.24 20.00 5.35
CA PRO A 46 -3.54 19.83 4.09
C PRO A 46 -4.03 20.89 3.08
N PHE A 47 -3.24 21.17 2.05
CA PHE A 47 -3.67 21.92 0.85
C PHE A 47 -4.54 20.99 0.00
N VAL A 48 -5.61 21.49 -0.58
CA VAL A 48 -6.54 20.68 -1.42
C VAL A 48 -6.32 21.00 -2.87
N ILE A 49 -6.10 19.94 -3.67
CA ILE A 49 -6.01 20.01 -5.14
C ILE A 49 -7.31 19.43 -5.69
N TYR A 50 -8.13 20.30 -6.24
CA TYR A 50 -9.50 19.98 -6.73
C TYR A 50 -9.67 20.49 -8.15
N ASP A 51 -8.69 21.26 -8.68
CA ASP A 51 -8.78 21.77 -10.05
C ASP A 51 -7.37 22.22 -10.52
N MET A 52 -7.29 22.73 -11.73
CA MET A 52 -5.97 23.02 -12.36
C MET A 52 -5.30 24.15 -11.60
N ASN A 53 -6.06 25.16 -11.21
CA ASN A 53 -5.56 26.27 -10.38
C ASN A 53 -4.94 25.72 -9.08
N SER A 54 -5.69 24.97 -8.30
CA SER A 54 -5.24 24.49 -6.97
C SER A 54 -4.10 23.49 -7.17
N LEU A 55 -4.06 22.78 -8.29
CA LEU A 55 -2.92 21.90 -8.65
C LEU A 55 -1.66 22.74 -8.72
N MET A 56 -1.69 23.85 -9.41
CA MET A 56 -0.50 24.70 -9.61
C MET A 56 -0.12 25.41 -8.30
N MET A 57 -1.10 25.85 -7.52
CA MET A 57 -0.81 26.46 -6.21
C MET A 57 -0.19 25.39 -5.32
N GLY A 58 -0.66 24.15 -5.41
CA GLY A 58 -0.26 23.05 -4.51
C GLY A 58 1.17 22.58 -4.81
N GLU A 59 1.51 22.45 -6.09
CA GLU A 59 2.81 21.95 -6.56
C GLU A 59 3.90 22.91 -6.11
N ASP A 60 3.58 24.21 -6.01
CA ASP A 60 4.45 25.26 -5.42
C ASP A 60 4.81 24.85 -3.96
N LYS A 61 4.52 23.55 -3.57
CA LYS A 61 4.66 22.98 -2.17
C LYS A 61 4.99 21.45 -2.09
N ILE A 62 4.93 20.63 -3.15
CA ILE A 62 5.12 19.13 -3.07
C ILE A 62 6.63 18.76 -3.08
N LYS A 63 7.06 17.70 -2.35
CA LYS A 63 8.51 17.31 -2.20
C LYS A 63 8.70 15.78 -2.03
N PHE A 64 9.85 15.27 -2.51
CA PHE A 64 10.18 13.82 -2.67
C PHE A 64 11.50 13.52 -1.90
N LYS A 65 11.73 12.26 -1.48
CA LYS A 65 13.01 11.80 -0.82
C LYS A 65 14.19 12.10 -1.76
N HIS A 66 14.11 11.62 -3.01
CA HIS A 66 15.01 11.96 -4.15
C HIS A 66 14.37 13.04 -5.03
N ILE A 67 14.67 14.31 -4.75
CA ILE A 67 14.36 15.48 -5.64
C ILE A 67 14.92 15.19 -7.03
N THR A 68 14.12 15.41 -8.08
CA THR A 68 14.49 15.24 -9.51
C THR A 68 14.50 16.60 -10.21
N PRO A 69 15.26 17.60 -9.69
CA PRO A 69 15.03 19.01 -9.99
C PRO A 69 15.72 19.54 -11.25
N LEU A 70 15.23 19.12 -12.43
CA LEU A 70 15.55 19.75 -13.74
C LEU A 70 14.28 19.72 -14.61
N GLN A 71 14.42 19.93 -15.92
CA GLN A 71 13.33 19.73 -16.92
C GLN A 71 13.13 18.22 -17.12
N GLU A 72 13.30 17.44 -16.05
CA GLU A 72 13.01 15.97 -15.98
C GLU A 72 11.51 15.75 -15.77
N GLN A 73 10.81 16.71 -15.15
CA GLN A 73 9.31 16.71 -14.97
C GLN A 73 8.65 17.16 -16.29
N SER A 74 7.80 16.29 -16.87
CA SER A 74 6.99 16.59 -18.09
C SER A 74 6.27 17.92 -17.88
N LYS A 75 6.02 18.64 -18.96
CA LYS A 75 5.21 19.88 -18.91
C LYS A 75 3.73 19.51 -18.80
N GLU A 76 3.33 18.33 -19.25
CA GLU A 76 1.90 18.01 -19.34
C GLU A 76 1.42 17.56 -17.95
N VAL A 77 0.33 18.13 -17.45
CA VAL A 77 -0.16 17.88 -16.06
C VAL A 77 -0.35 16.36 -15.83
N ALA A 78 -1.09 15.70 -16.69
CA ALA A 78 -1.43 14.29 -16.48
C ALA A 78 -0.15 13.48 -16.32
N ILE A 79 0.85 13.70 -17.15
CA ILE A 79 2.11 12.91 -17.15
C ILE A 79 2.92 13.27 -15.89
N ARG A 80 2.92 14.52 -15.51
CA ARG A 80 3.64 14.95 -14.32
C ARG A 80 3.01 14.30 -13.08
N ILE A 81 1.70 14.37 -12.95
CA ILE A 81 1.00 13.73 -11.81
C ILE A 81 1.36 12.24 -11.81
N PHE A 82 1.29 11.56 -12.96
CA PHE A 82 1.57 10.10 -13.07
C PHE A 82 3.03 9.80 -12.61
N GLN A 83 3.98 10.64 -13.02
CA GLN A 83 5.41 10.48 -12.66
C GLN A 83 5.60 10.71 -11.15
N GLY A 84 4.89 11.67 -10.59
CA GLY A 84 4.85 11.87 -9.13
C GLY A 84 4.32 10.63 -8.44
N CYS A 85 3.22 10.08 -8.92
CA CYS A 85 2.66 8.82 -8.36
C CYS A 85 3.72 7.70 -8.45
N GLN A 86 4.42 7.52 -9.57
CA GLN A 86 5.52 6.53 -9.67
C GLN A 86 6.57 6.76 -8.58
N PHE A 87 7.03 7.98 -8.39
CA PHE A 87 8.01 8.32 -7.32
C PHE A 87 7.43 7.88 -5.99
N ARG A 88 6.15 8.15 -5.74
CA ARG A 88 5.52 7.75 -4.44
C ARG A 88 5.48 6.23 -4.30
N SER A 89 5.21 5.52 -5.37
CA SER A 89 5.25 4.04 -5.37
C SER A 89 6.66 3.54 -4.99
N VAL A 90 7.67 4.16 -5.55
CA VAL A 90 9.08 3.73 -5.29
C VAL A 90 9.44 4.01 -3.83
N GLU A 91 9.00 5.15 -3.27
CA GLU A 91 9.16 5.45 -1.82
C GLU A 91 8.43 4.40 -1.01
N ALA A 92 7.25 3.98 -1.44
CA ALA A 92 6.47 2.96 -0.67
C ALA A 92 7.21 1.62 -0.74
N VAL A 93 7.77 1.27 -1.88
CA VAL A 93 8.59 0.04 -1.98
C VAL A 93 9.67 0.08 -0.89
N GLN A 94 10.37 1.19 -0.76
CA GLN A 94 11.50 1.30 0.16
C GLN A 94 10.99 1.10 1.58
N GLU A 95 9.86 1.70 1.94
CA GLU A 95 9.29 1.56 3.30
C GLU A 95 8.88 0.11 3.55
N ILE A 96 8.23 -0.50 2.57
CA ILE A 96 7.68 -1.86 2.70
C ILE A 96 8.85 -2.85 2.82
N THR A 97 9.95 -2.61 2.11
CA THR A 97 11.15 -3.47 2.19
C THR A 97 11.71 -3.43 3.62
N GLU A 98 11.80 -2.24 4.21
CA GLU A 98 12.26 -2.05 5.60
C GLU A 98 11.29 -2.79 6.54
N TYR A 99 9.99 -2.64 6.35
CA TYR A 99 9.01 -3.37 7.19
C TYR A 99 9.22 -4.88 7.08
N ALA A 100 9.32 -5.39 5.87
CA ALA A 100 9.43 -6.86 5.61
C ALA A 100 10.63 -7.41 6.36
N LYS A 101 11.72 -6.62 6.44
CA LYS A 101 12.97 -7.10 7.08
C LYS A 101 12.78 -7.21 8.58
N SER A 102 11.71 -6.65 9.15
CA SER A 102 11.45 -6.74 10.59
C SER A 102 10.50 -7.89 10.89
N ILE A 103 9.95 -8.56 9.87
CA ILE A 103 9.03 -9.72 10.06
C ILE A 103 9.87 -10.91 10.52
N PRO A 104 9.62 -11.51 11.72
CA PRO A 104 10.51 -12.57 12.20
C PRO A 104 10.59 -13.71 11.20
N GLY A 105 11.81 -14.07 10.84
CA GLY A 105 12.10 -15.18 9.92
C GLY A 105 12.51 -14.66 8.55
N PHE A 106 12.06 -13.47 8.16
CA PHE A 106 12.16 -12.99 6.77
C PHE A 106 13.64 -12.85 6.37
N VAL A 107 14.46 -12.19 7.17
CA VAL A 107 15.89 -11.94 6.80
C VAL A 107 16.67 -13.26 6.77
N ASN A 108 16.17 -14.31 7.39
CA ASN A 108 16.81 -15.65 7.41
C ASN A 108 16.43 -16.41 6.17
N LEU A 109 15.47 -15.94 5.42
CA LEU A 109 15.15 -16.57 4.13
C LEU A 109 16.30 -16.30 3.18
N ASP A 110 16.43 -17.13 2.17
CA ASP A 110 17.36 -16.89 1.03
C ASP A 110 17.11 -15.49 0.45
N LEU A 111 18.18 -14.70 0.23
CA LEU A 111 18.04 -13.29 -0.15
C LEU A 111 17.27 -13.19 -1.48
N ASN A 112 17.41 -14.19 -2.38
CA ASN A 112 16.64 -14.18 -3.65
C ASN A 112 15.15 -14.29 -3.32
N ASP A 113 14.81 -15.10 -2.34
CA ASP A 113 13.39 -15.33 -1.96
C ASP A 113 12.87 -14.05 -1.30
N GLN A 114 13.70 -13.39 -0.47
CA GLN A 114 13.31 -12.06 0.07
C GLN A 114 12.93 -11.12 -1.09
N VAL A 115 13.77 -11.02 -2.13
CA VAL A 115 13.52 -10.08 -3.26
C VAL A 115 12.29 -10.53 -4.04
N THR A 116 12.14 -11.83 -4.30
CA THR A 116 10.96 -12.36 -5.00
C THR A 116 9.68 -11.93 -4.25
N LEU A 117 9.63 -12.17 -2.96
CA LEU A 117 8.43 -11.91 -2.13
C LEU A 117 8.10 -10.41 -2.23
N LEU A 118 9.12 -9.53 -2.21
CA LEU A 118 8.92 -8.06 -2.32
C LEU A 118 8.46 -7.73 -3.72
N LYS A 119 9.14 -8.26 -4.72
CA LYS A 119 8.77 -7.98 -6.12
C LYS A 119 7.27 -8.28 -6.38
N TYR A 120 6.78 -9.44 -5.99
CA TYR A 120 5.41 -9.88 -6.37
C TYR A 120 4.37 -9.44 -5.30
N GLY A 121 4.84 -8.89 -4.19
CA GLY A 121 3.97 -8.55 -3.06
C GLY A 121 3.75 -7.04 -2.89
N VAL A 122 4.69 -6.19 -3.32
CA VAL A 122 4.74 -4.78 -2.83
C VAL A 122 3.52 -4.06 -3.32
N HIS A 123 3.05 -4.34 -4.52
CA HIS A 123 1.91 -3.57 -5.07
C HIS A 123 0.64 -3.93 -4.30
N GLU A 124 0.45 -5.19 -3.92
CA GLU A 124 -0.68 -5.58 -3.07
C GLU A 124 -0.65 -4.76 -1.78
N ILE A 125 0.51 -4.60 -1.19
CA ILE A 125 0.67 -3.85 0.08
C ILE A 125 0.42 -2.36 -0.20
N ILE A 126 0.97 -1.84 -1.31
CA ILE A 126 0.81 -0.40 -1.65
C ILE A 126 -0.70 -0.08 -1.68
N TYR A 127 -1.50 -0.91 -2.32
CA TYR A 127 -2.95 -0.62 -2.49
C TYR A 127 -3.69 -0.84 -1.16
N THR A 128 -3.21 -1.76 -0.35
CA THR A 128 -3.76 -1.99 1.00
C THR A 128 -3.58 -0.72 1.81
N MET A 129 -2.39 -0.17 1.76
CA MET A 129 -2.04 0.95 2.64
C MET A 129 -2.55 2.27 2.03
N LEU A 130 -2.68 2.35 0.73
CA LEU A 130 -3.27 3.51 0.02
C LEU A 130 -4.72 3.73 0.46
N ALA A 131 -5.49 2.68 0.74
CA ALA A 131 -6.86 2.81 1.27
C ALA A 131 -6.86 3.65 2.56
N SER A 132 -5.82 3.53 3.40
CA SER A 132 -5.65 4.33 4.65
C SER A 132 -5.70 5.84 4.35
N LEU A 133 -5.22 6.22 3.18
CA LEU A 133 -5.04 7.64 2.74
C LEU A 133 -6.29 8.13 2.02
N MET A 134 -7.26 7.26 1.76
CA MET A 134 -8.38 7.58 0.85
C MET A 134 -9.71 7.72 1.62
N ASN A 135 -10.55 8.61 1.16
CA ASN A 135 -11.98 8.62 1.49
C ASN A 135 -12.73 8.71 0.15
N LYS A 136 -14.04 8.83 0.22
CA LYS A 136 -14.93 8.95 -0.95
C LYS A 136 -14.45 10.11 -1.82
N ASP A 137 -13.95 11.19 -1.23
CA ASP A 137 -13.66 12.44 -2.00
C ASP A 137 -12.26 12.46 -2.64
N GLY A 138 -11.30 11.70 -2.13
CA GLY A 138 -9.92 11.86 -2.60
C GLY A 138 -8.91 11.17 -1.72
N VAL A 139 -7.67 11.56 -1.90
CA VAL A 139 -6.49 10.83 -1.36
C VAL A 139 -5.49 11.83 -0.81
N LEU A 140 -4.89 11.50 0.32
CA LEU A 140 -3.80 12.28 0.92
C LEU A 140 -2.57 12.12 0.05
N ILE A 141 -1.96 13.23 -0.28
CA ILE A 141 -0.68 13.21 -1.04
C ILE A 141 0.42 13.87 -0.21
N SER A 142 1.63 13.76 -0.69
CA SER A 142 2.79 14.49 -0.13
C SER A 142 2.82 14.19 1.36
N GLU A 143 2.73 12.91 1.68
CA GLU A 143 2.78 12.39 3.06
C GLU A 143 1.80 13.12 3.96
N GLY A 144 0.58 13.34 3.51
CA GLY A 144 -0.48 13.87 4.35
C GLY A 144 -0.51 15.38 4.35
N GLN A 145 0.40 16.04 3.64
CA GLN A 145 0.43 17.53 3.57
C GLN A 145 -0.60 18.05 2.56
N GLY A 146 -0.99 17.23 1.58
CA GLY A 146 -1.97 17.62 0.56
C GLY A 146 -3.07 16.59 0.43
N PHE A 147 -4.11 16.95 -0.29
CA PHE A 147 -5.25 16.08 -0.59
C PHE A 147 -5.69 16.35 -2.01
N MET A 148 -5.74 15.32 -2.83
CA MET A 148 -6.12 15.47 -4.23
C MET A 148 -7.46 14.78 -4.47
N THR A 149 -8.38 15.43 -5.13
CA THR A 149 -9.75 14.89 -5.24
C THR A 149 -9.79 13.74 -6.26
N ARG A 150 -10.67 12.79 -6.02
CA ARG A 150 -11.00 11.67 -6.92
C ARG A 150 -11.46 12.22 -8.25
N GLU A 151 -12.34 13.25 -8.28
CA GLU A 151 -12.85 13.77 -9.57
C GLU A 151 -11.74 14.54 -10.32
N PHE A 152 -10.84 15.18 -9.61
CA PHE A 152 -9.72 15.85 -10.29
C PHE A 152 -8.90 14.77 -11.02
N LEU A 153 -8.59 13.66 -10.37
CA LEU A 153 -7.87 12.53 -11.00
C LEU A 153 -8.65 11.98 -12.19
N LYS A 154 -9.96 11.84 -12.05
CA LYS A 154 -10.82 11.36 -13.17
C LYS A 154 -10.78 12.33 -14.34
N SER A 155 -10.41 13.60 -14.12
CA SER A 155 -10.50 14.66 -15.17
C SER A 155 -9.26 14.63 -16.06
N LEU A 156 -8.18 13.94 -15.67
CA LEU A 156 -6.94 13.90 -16.47
C LEU A 156 -7.21 13.23 -17.82
N ARG A 157 -6.57 13.66 -18.87
CA ARG A 157 -6.85 13.19 -20.24
C ARG A 157 -6.52 11.70 -20.34
N LYS A 158 -7.23 10.98 -21.20
CA LYS A 158 -6.88 9.59 -21.55
C LYS A 158 -5.40 9.55 -21.89
N PRO A 159 -4.67 8.46 -21.58
CA PRO A 159 -5.19 7.33 -20.80
C PRO A 159 -4.91 7.39 -19.30
N PHE A 160 -4.88 8.60 -18.70
CA PHE A 160 -4.41 8.84 -17.31
C PHE A 160 -5.61 9.06 -16.39
N GLY A 161 -6.83 8.97 -16.90
CA GLY A 161 -8.01 9.44 -16.18
C GLY A 161 -8.64 8.38 -15.27
N ASP A 162 -8.10 7.17 -15.13
CA ASP A 162 -8.75 6.16 -14.29
C ASP A 162 -7.75 5.23 -13.63
N PHE A 163 -6.49 5.62 -13.53
CA PHE A 163 -5.46 4.73 -12.95
C PHE A 163 -5.67 4.56 -11.44
N MET A 164 -6.29 5.51 -10.77
CA MET A 164 -6.53 5.36 -9.32
C MET A 164 -7.96 4.85 -9.02
N GLU A 165 -8.86 4.84 -10.00
CA GLU A 165 -10.30 4.53 -9.79
C GLU A 165 -10.49 3.16 -9.14
N PRO A 166 -9.92 2.08 -9.69
CA PRO A 166 -10.07 0.76 -9.09
C PRO A 166 -9.58 0.73 -7.63
N LYS A 167 -8.62 1.58 -7.30
CA LYS A 167 -8.04 1.59 -5.93
C LYS A 167 -9.00 2.32 -4.99
N PHE A 168 -9.63 3.42 -5.43
CA PHE A 168 -10.71 4.09 -4.67
C PHE A 168 -11.85 3.10 -4.45
N GLU A 169 -12.17 2.31 -5.46
CA GLU A 169 -13.31 1.33 -5.39
C GLU A 169 -12.98 0.25 -4.35
N PHE A 170 -11.77 -0.28 -4.38
CA PHE A 170 -11.24 -1.20 -3.35
C PHE A 170 -11.26 -0.55 -1.95
N ALA A 171 -10.78 0.70 -1.83
CA ALA A 171 -10.62 1.42 -0.54
C ALA A 171 -11.98 1.65 0.14
N VAL A 172 -12.98 2.09 -0.56
CA VAL A 172 -14.24 2.42 0.15
C VAL A 172 -14.78 1.12 0.81
N LYS A 173 -14.72 -0.02 0.14
CA LYS A 173 -15.14 -1.31 0.74
C LYS A 173 -14.17 -1.79 1.85
N PHE A 174 -12.88 -1.69 1.60
CA PHE A 174 -11.86 -2.14 2.57
C PHE A 174 -11.95 -1.30 3.84
N ASN A 175 -12.12 0.00 3.69
CA ASN A 175 -12.21 0.95 4.84
C ASN A 175 -13.46 0.67 5.68
N ALA A 176 -14.50 0.17 5.08
CA ALA A 176 -15.75 -0.16 5.79
C ALA A 176 -15.46 -1.26 6.85
N LEU A 177 -14.39 -2.04 6.69
CA LEU A 177 -13.99 -3.10 7.66
C LEU A 177 -13.41 -2.47 8.93
N GLU A 178 -13.01 -1.19 8.87
CA GLU A 178 -12.52 -0.43 10.05
C GLU A 178 -11.33 -1.18 10.69
N LEU A 179 -10.41 -1.65 9.89
CA LEU A 179 -9.12 -2.14 10.41
C LEU A 179 -8.32 -0.97 10.99
N ASP A 180 -7.53 -1.27 12.01
CA ASP A 180 -6.58 -0.29 12.55
C ASP A 180 -5.17 -0.71 12.17
N ASP A 181 -4.20 0.07 12.56
CA ASP A 181 -2.77 -0.17 12.20
C ASP A 181 -2.31 -1.50 12.76
N SER A 182 -2.75 -1.85 13.96
CA SER A 182 -2.42 -3.14 14.61
CA SER A 182 -2.40 -3.14 14.61
C SER A 182 -2.91 -4.32 13.74
N ASP A 183 -4.11 -4.21 13.16
CA ASP A 183 -4.64 -5.25 12.25
C ASP A 183 -3.81 -5.25 10.96
N LEU A 184 -3.57 -4.07 10.38
CA LEU A 184 -2.92 -3.91 9.06
C LEU A 184 -1.49 -4.47 9.12
N ALA A 185 -0.78 -4.23 10.21
CA ALA A 185 0.61 -4.73 10.37
C ALA A 185 0.62 -6.23 10.11
N ILE A 186 -0.33 -6.96 10.66
CA ILE A 186 -0.33 -8.44 10.52
C ILE A 186 -0.80 -8.81 9.13
N PHE A 187 -1.87 -8.17 8.65
CA PHE A 187 -2.44 -8.41 7.32
C PHE A 187 -1.33 -8.26 6.27
N ILE A 188 -0.56 -7.17 6.34
CA ILE A 188 0.52 -6.89 5.35
C ILE A 188 1.60 -8.01 5.43
N ALA A 189 1.99 -8.41 6.62
CA ALA A 189 3.01 -9.47 6.83
C ALA A 189 2.56 -10.77 6.17
N VAL A 190 1.28 -11.13 6.36
CA VAL A 190 0.67 -12.33 5.73
C VAL A 190 0.84 -12.27 4.21
N ILE A 191 0.46 -11.17 3.61
CA ILE A 191 0.55 -11.03 2.15
C ILE A 191 2.01 -11.18 1.70
N ILE A 192 2.94 -10.50 2.38
CA ILE A 192 4.38 -10.57 1.95
C ILE A 192 4.86 -12.02 1.98
N LEU A 193 4.50 -12.80 3.02
CA LEU A 193 4.95 -14.20 3.22
C LEU A 193 3.99 -15.14 2.47
N SER A 194 3.81 -14.92 1.16
CA SER A 194 2.99 -15.79 0.25
C SER A 194 3.92 -16.80 -0.46
N GLY A 195 3.70 -18.09 -0.22
CA GLY A 195 4.57 -19.15 -0.75
C GLY A 195 4.34 -19.43 -2.21
N ASP A 196 3.31 -18.84 -2.82
CA ASP A 196 2.88 -19.17 -4.22
C ASP A 196 3.37 -18.08 -5.20
N ARG A 197 4.25 -17.17 -4.76
CA ARG A 197 4.94 -16.27 -5.70
C ARG A 197 5.78 -17.11 -6.66
N PRO A 198 5.84 -16.73 -7.94
CA PRO A 198 6.71 -17.40 -8.91
C PRO A 198 8.21 -17.35 -8.57
N GLY A 199 8.92 -18.46 -8.79
CA GLY A 199 10.39 -18.52 -8.72
C GLY A 199 10.95 -18.55 -7.29
N LEU A 200 10.15 -18.88 -6.29
CA LEU A 200 10.69 -19.03 -4.92
C LEU A 200 11.55 -20.29 -4.87
N LEU A 201 12.68 -20.27 -4.15
CA LEU A 201 13.60 -21.43 -3.99
C LEU A 201 13.07 -22.34 -2.90
N ASN A 202 12.67 -21.78 -1.76
CA ASN A 202 12.36 -22.57 -0.53
C ASN A 202 10.95 -22.17 -0.05
N VAL A 203 9.93 -22.87 -0.54
CA VAL A 203 8.51 -22.55 -0.31
C VAL A 203 8.14 -22.85 1.15
N LYS A 204 8.61 -23.96 1.73
CA LYS A 204 8.11 -24.45 3.05
C LYS A 204 8.40 -23.43 4.17
N PRO A 205 9.62 -22.89 4.29
CA PRO A 205 9.96 -21.92 5.34
C PRO A 205 9.09 -20.64 5.26
N ILE A 206 8.70 -20.24 4.04
CA ILE A 206 7.79 -19.08 3.83
C ILE A 206 6.38 -19.46 4.32
N GLU A 207 5.88 -20.63 3.93
CA GLU A 207 4.55 -21.10 4.36
C GLU A 207 4.48 -21.25 5.88
N ASP A 208 5.56 -21.69 6.50
CA ASP A 208 5.64 -21.89 7.98
C ASP A 208 5.57 -20.54 8.69
N ILE A 209 6.27 -19.53 8.20
CA ILE A 209 6.16 -18.16 8.73
C ILE A 209 4.71 -17.66 8.49
N GLN A 210 4.17 -17.81 7.28
CA GLN A 210 2.82 -17.28 6.96
C GLN A 210 1.77 -17.93 7.89
N ASP A 211 1.85 -19.23 8.10
CA ASP A 211 0.84 -19.97 8.92
C ASP A 211 0.83 -19.37 10.32
N ASN A 212 1.99 -19.11 10.88
CA ASN A 212 2.14 -18.40 12.18
C ASN A 212 1.53 -16.99 12.09
N LEU A 213 1.78 -16.26 11.00
CA LEU A 213 1.22 -14.88 10.84
C LEU A 213 -0.30 -14.96 10.74
N LEU A 214 -0.79 -15.95 10.04
CA LEU A 214 -2.24 -16.13 9.85
C LEU A 214 -2.90 -16.42 11.20
N GLN A 215 -2.25 -17.22 12.05
CA GLN A 215 -2.78 -17.52 13.42
C GLN A 215 -2.81 -16.23 14.23
N ALA A 216 -1.72 -15.44 14.14
CA ALA A 216 -1.60 -14.12 14.79
C ALA A 216 -2.72 -13.18 14.30
N LEU A 217 -3.01 -13.16 13.00
CA LEU A 217 -4.04 -12.29 12.42
C LEU A 217 -5.42 -12.71 12.95
N GLU A 218 -5.68 -14.00 12.98
CA GLU A 218 -7.01 -14.53 13.35
C GLU A 218 -7.28 -14.17 14.82
N LEU A 219 -6.27 -14.28 15.66
CA LEU A 219 -6.39 -13.95 17.09
C LEU A 219 -6.56 -12.43 17.25
N GLN A 220 -5.77 -11.66 16.54
CA GLN A 220 -5.86 -10.17 16.59
C GLN A 220 -7.29 -9.75 16.22
N LEU A 221 -7.85 -10.33 15.17
CA LEU A 221 -9.16 -9.90 14.64
C LEU A 221 -10.25 -10.30 15.63
N LYS A 222 -10.13 -11.45 16.25
CA LYS A 222 -11.13 -11.88 17.26
C LYS A 222 -11.08 -10.94 18.47
N LEU A 223 -9.90 -10.61 18.94
CA LEU A 223 -9.74 -9.71 20.11
C LEU A 223 -10.17 -8.31 19.74
N ASN A 224 -9.77 -7.84 18.57
CA ASN A 224 -9.84 -6.40 18.22
C ASN A 224 -11.20 -6.04 17.63
N HIS A 225 -11.94 -6.99 17.12
CA HIS A 225 -13.19 -6.75 16.36
C HIS A 225 -14.29 -7.64 16.92
N PRO A 226 -14.83 -7.32 18.12
CA PRO A 226 -15.93 -8.08 18.68
C PRO A 226 -17.19 -8.00 17.80
N GLU A 227 -17.30 -6.96 16.96
CA GLU A 227 -18.50 -6.64 16.10
C GLU A 227 -18.63 -7.61 14.90
N SER A 228 -17.63 -8.38 14.54
CA SER A 228 -17.74 -9.30 13.38
C SER A 228 -17.19 -10.65 13.75
N SER A 229 -17.81 -11.69 13.27
CA SER A 229 -17.25 -13.06 13.32
C SER A 229 -16.82 -13.49 11.92
N GLN A 230 -16.86 -12.58 10.95
CA GLN A 230 -16.60 -12.88 9.53
C GLN A 230 -15.33 -12.16 9.03
N LEU A 231 -14.64 -11.41 9.91
CA LEU A 231 -13.66 -10.42 9.42
C LEU A 231 -12.42 -11.14 8.88
N PHE A 232 -11.98 -12.21 9.51
CA PHE A 232 -10.81 -12.98 9.04
C PHE A 232 -11.08 -13.50 7.62
N ALA A 233 -12.21 -14.18 7.43
CA ALA A 233 -12.62 -14.73 6.12
C ALA A 233 -12.71 -13.58 5.09
N LYS A 234 -13.30 -12.46 5.48
CA LYS A 234 -13.42 -11.30 4.60
C LYS A 234 -12.04 -10.74 4.17
N LEU A 235 -11.04 -10.81 5.04
CA LEU A 235 -9.68 -10.28 4.72
C LEU A 235 -8.97 -11.25 3.83
N LEU A 236 -9.23 -12.56 3.97
CA LEU A 236 -8.69 -13.54 3.04
C LEU A 236 -9.22 -13.20 1.63
N GLN A 237 -10.51 -12.89 1.52
CA GLN A 237 -11.17 -12.48 0.26
C GLN A 237 -10.48 -11.22 -0.27
N LYS A 238 -10.15 -10.27 0.60
CA LYS A 238 -9.50 -9.01 0.16
C LYS A 238 -8.10 -9.30 -0.40
N MET A 239 -7.40 -10.30 0.12
CA MET A 239 -6.08 -10.66 -0.42
C MET A 239 -6.21 -11.13 -1.86
N THR A 240 -7.23 -11.93 -2.17
CA THR A 240 -7.46 -12.38 -3.57
C THR A 240 -8.00 -11.18 -4.40
N ASP A 241 -8.77 -10.27 -3.83
CA ASP A 241 -9.15 -9.03 -4.58
C ASP A 241 -7.87 -8.25 -4.97
N LEU A 242 -6.91 -8.13 -4.07
CA LEU A 242 -5.73 -7.29 -4.33
C LEU A 242 -4.91 -7.84 -5.50
N ARG A 243 -4.85 -9.15 -5.67
CA ARG A 243 -4.15 -9.76 -6.81
C ARG A 243 -4.83 -9.33 -8.11
N GLN A 244 -6.17 -9.28 -8.14
CA GLN A 244 -6.92 -8.81 -9.33
C GLN A 244 -6.59 -7.34 -9.59
N ILE A 245 -6.59 -6.50 -8.53
CA ILE A 245 -6.25 -5.05 -8.68
C ILE A 245 -4.86 -4.89 -9.33
N VAL A 246 -3.89 -5.65 -8.86
CA VAL A 246 -2.50 -5.56 -9.38
C VAL A 246 -2.47 -6.01 -10.85
N THR A 247 -3.12 -7.11 -11.21
CA THR A 247 -3.26 -7.59 -12.65
C THR A 247 -3.82 -6.46 -13.51
N GLU A 248 -4.94 -5.90 -13.11
CA GLU A 248 -5.62 -4.78 -13.82
C GLU A 248 -4.68 -3.57 -13.92
N HIS A 249 -3.93 -3.29 -12.88
CA HIS A 249 -2.97 -2.18 -12.87
C HIS A 249 -1.92 -2.42 -13.98
N VAL A 250 -1.33 -3.61 -14.01
CA VAL A 250 -0.25 -3.96 -14.97
C VAL A 250 -0.77 -3.76 -16.38
N GLN A 251 -1.97 -4.25 -16.64
CA GLN A 251 -2.64 -4.08 -17.95
C GLN A 251 -2.77 -2.62 -18.30
N LEU A 252 -3.17 -1.78 -17.35
CA LEU A 252 -3.33 -0.35 -17.64
C LEU A 252 -1.95 0.27 -17.93
N LEU A 253 -0.92 -0.13 -17.20
CA LEU A 253 0.46 0.36 -17.38
C LEU A 253 0.98 -0.07 -18.77
N GLN A 254 0.48 -1.20 -19.32
CA GLN A 254 0.82 -1.65 -20.70
C GLN A 254 0.22 -0.66 -21.69
N VAL A 255 -1.05 -0.34 -21.50
CA VAL A 255 -1.81 0.59 -22.38
C VAL A 255 -1.10 1.95 -22.36
N ILE A 256 -0.79 2.47 -21.19
CA ILE A 256 -0.03 3.73 -21.03
C ILE A 256 1.35 3.61 -21.72
N LYS A 257 2.10 2.55 -21.47
CA LYS A 257 3.50 2.42 -21.99
C LYS A 257 3.48 2.28 -23.52
N LYS A 258 2.32 2.02 -24.12
CA LYS A 258 2.21 1.80 -25.59
C LYS A 258 1.48 2.97 -26.26
N THR A 259 0.86 3.85 -25.49
CA THR A 259 0.12 5.05 -25.97
C THR A 259 1.04 6.26 -25.87
N GLU A 260 1.93 6.23 -24.91
CA GLU A 260 2.71 7.40 -24.44
C GLU A 260 4.16 6.98 -24.48
N THR A 261 4.60 6.51 -25.64
CA THR A 261 5.90 5.82 -25.83
C THR A 261 7.03 6.79 -25.44
N ASP A 262 6.73 8.09 -25.40
CA ASP A 262 7.71 9.18 -25.10
C ASP A 262 7.96 9.28 -23.58
N MET A 263 6.92 9.15 -22.74
CA MET A 263 7.05 9.43 -21.29
C MET A 263 7.88 8.30 -20.63
N SER A 264 8.74 8.65 -19.66
CA SER A 264 9.63 7.68 -18.97
C SER A 264 8.89 7.01 -17.79
N LEU A 265 8.91 5.68 -17.79
CA LEU A 265 8.47 4.77 -16.71
C LEU A 265 9.68 4.46 -15.80
N HIS A 266 9.51 4.56 -14.48
CA HIS A 266 10.61 4.40 -13.53
C HIS A 266 11.18 3.00 -13.69
N PRO A 267 12.51 2.87 -13.83
CA PRO A 267 13.10 1.57 -14.16
C PRO A 267 12.97 0.52 -13.06
N LEU A 268 12.80 0.92 -11.79
CA LEU A 268 12.60 -0.15 -10.76
C LEU A 268 11.17 -0.69 -10.85
N LEU A 269 10.22 0.18 -11.09
CA LEU A 269 8.81 -0.27 -11.33
C LEU A 269 8.77 -1.14 -12.58
N GLN A 270 9.53 -0.78 -13.60
CA GLN A 270 9.57 -1.58 -14.84
C GLN A 270 10.05 -3.01 -14.54
N GLU A 271 11.09 -3.18 -13.70
CA GLU A 271 11.62 -4.52 -13.29
C GLU A 271 10.52 -5.36 -12.67
N ILE A 272 9.71 -4.73 -11.83
CA ILE A 272 8.58 -5.42 -11.17
C ILE A 272 7.54 -5.75 -12.26
N TYR A 273 7.08 -4.73 -12.97
CA TYR A 273 5.91 -4.85 -13.91
C TYR A 273 6.21 -5.92 -14.97
N LYS A 274 7.46 -6.06 -15.40
CA LYS A 274 7.79 -6.94 -16.55
C LYS A 274 7.43 -8.38 -16.18
N ASP A 275 7.48 -8.76 -14.91
CA ASP A 275 7.18 -10.15 -14.51
C ASP A 275 5.80 -10.27 -13.86
N LEU A 276 5.18 -9.16 -13.50
CA LEU A 276 3.81 -9.15 -12.90
C LEU A 276 2.80 -9.48 -13.99
N TYR A 277 3.08 -9.02 -15.24
CA TYR A 277 2.65 -9.59 -16.55
C TYR A 277 3.50 -10.84 -16.89
N1 O7O B . 0.83 5.08 -8.37
C2 O7O B . 2.05 4.87 -10.99
C4 O7O B . 0.38 5.17 -7.11
C5 O7O B . 1.20 5.90 -4.84
C6 O7O B . 0.52 7.04 -4.37
O1 O7O B . 2.97 2.73 -11.50
C3 O7O B . 2.69 3.54 -10.67
O O7O B . 2.86 3.35 -9.39
S O7O B . 0.24 4.53 -10.94
C1 O7O B . -0.11 4.67 -9.25
N O7O B . -1.39 4.36 -9.02
C15 O7O B . -0.93 4.87 -6.74
C O7O B . -1.74 4.46 -7.77
CL O7O B . -3.35 3.90 -7.40
N2 O7O B . 1.15 5.75 -6.17
C14 O7O B . 1.67 4.92 -3.97
C13 O7O B . 1.50 5.10 -2.62
C12 O7O B . 0.87 6.22 -2.13
C11 O7O B . 0.35 7.18 -2.99
C10 O7O B . -0.37 8.37 -2.41
C9 O7O B . -1.35 8.98 -3.41
C8 O7O B . -0.66 9.26 -4.70
C7 O7O B . -0.08 8.01 -5.34
N1 O7O C . 3.29 14.97 -7.92
C2 O7O C . 1.54 12.49 -5.27
C4 O7O C . 2.88 16.12 -8.46
C5 O7O C . 5.14 16.47 -9.55
C6 O7O C . 6.12 17.39 -9.14
O1 O7O C . 1.72 11.64 -3.00
C3 O7O C . 2.00 12.49 -3.83
O O7O C . 2.74 13.53 -3.57
S O7O C . 2.97 12.93 -6.31
C1 O7O C . 2.36 14.30 -7.24
N O7O C . 1.08 14.62 -7.08
C15 O7O C . 1.56 16.61 -8.35
C O7O C . 0.72 15.75 -7.65
CL O7O C . -0.96 16.17 -7.51
N2 O7O C . 3.85 16.80 -9.14
C14 O7O C . 5.48 15.22 -10.06
C13 O7O C . 6.81 14.91 -10.22
C12 O7O C . 7.80 15.80 -9.81
C11 O7O C . 7.47 17.02 -9.25
C10 O7O C . 8.57 17.90 -8.68
C9 O7O C . 8.11 19.31 -8.36
C8 O7O C . 6.78 19.31 -7.64
C7 O7O C . 5.71 18.72 -8.53
C1 GOL D . -14.97 9.11 5.41
O1 GOL D . -13.81 8.29 5.52
C2 GOL D . -15.66 8.90 4.09
O2 GOL D . -15.61 10.11 3.32
C3 GOL D . -15.08 7.76 3.29
O3 GOL D . -15.75 7.60 2.05
C1 GOL E . -16.11 12.08 -5.57
O1 GOL E . -16.47 10.81 -5.03
C2 GOL E . -16.67 13.22 -4.75
O2 GOL E . -15.59 13.95 -4.16
C3 GOL E . -17.54 14.17 -5.55
O3 GOL E . -18.77 14.44 -4.89
C1 GOL F . 13.87 7.91 -2.75
O1 GOL F . 14.45 7.58 -1.49
C2 GOL F . 13.59 6.66 -3.57
O2 GOL F . 12.88 5.72 -2.77
C3 GOL F . 12.82 6.97 -4.84
O3 GOL F . 13.60 6.65 -5.99
C1 GOL G . 13.86 -3.72 -3.63
O1 GOL G . 14.97 -4.21 -2.87
C2 GOL G . 13.20 -4.82 -4.43
O2 GOL G . 13.64 -4.77 -5.79
C3 GOL G . 11.69 -4.77 -4.39
O3 GOL G . 11.14 -5.20 -5.63
C1 GOL H . -17.10 -5.04 1.21
O1 GOL H . -16.10 -5.26 2.23
C2 GOL H . -17.44 -6.30 0.45
O2 GOL H . -18.85 -6.50 0.47
C3 GOL H . -16.95 -6.31 -0.98
O3 GOL H . -17.98 -5.97 -1.90
#